data_9CYC
#
_entry.id   9CYC
#
_cell.length_a   66.576
_cell.length_b   71.301
_cell.length_c   177.507
_cell.angle_alpha   90.000
_cell.angle_beta   90.000
_cell.angle_gamma   90.000
#
_symmetry.space_group_name_H-M   'P 2 21 21'
#
loop_
_entity.id
_entity.type
_entity.pdbx_description
1 polymer 'Papain-like protease'
2 non-polymer (E)-1-[(3R)-1-cyclopentylpiperidin-3-yl]-N-methoxy-1-(6-methoxynaphthalen-2-yl)methanimine
3 non-polymer 'ACETIC ACID'
4 non-polymer GLYCEROL
5 water water
#
_entity_poly.entity_id   1
_entity_poly.type   'polypeptide(L)'
_entity_poly.pdbx_seq_one_letter_code
;SNAEVRTIKVFTTVDNINLHTQVVDMSMTYGQQFGPTYLDGADVTKIKPHNSHEGKTFYVLPNDDTLRVEAFEYYHTTDP
SFLGRYMSALNHTKKWKYPQVNGLTSIKWADNNSYLATALLTLQQIELKFNPPALQDAYYRARAGEAANFCALILAYCNK
TVGELGDVRETMSYLFQHANLDSCKRVLNVVCKTCGQQQTTLKGVEAVMYMGTLSYEQFKKGVQIPCTCGKQATKYLVQQ
ESPFVMMSAPPAQYELKHGTFTCASEYTGNYQCGHYKHITSKETLYCIDGALLTKSSEYKGPITDVFYKENSYTTTIK
;
_entity_poly.pdbx_strand_id   A,B
#
# COMPACT_ATOMS: atom_id res chain seq x y z
N VAL A 5 42.77 3.74 -29.19
CA VAL A 5 41.47 4.24 -28.74
C VAL A 5 41.57 4.78 -27.32
N ARG A 6 41.15 6.02 -27.14
CA ARG A 6 41.13 6.67 -25.83
C ARG A 6 39.91 6.23 -25.03
N THR A 7 40.15 5.79 -23.79
CA THR A 7 39.09 5.26 -22.94
C THR A 7 39.35 5.64 -21.50
N ILE A 8 38.28 5.72 -20.71
CA ILE A 8 38.34 5.91 -19.27
C ILE A 8 37.48 4.84 -18.61
N LYS A 9 37.74 4.61 -17.32
CA LYS A 9 36.98 3.66 -16.51
C LYS A 9 35.94 4.41 -15.68
N VAL A 10 34.68 4.02 -15.81
CA VAL A 10 33.59 4.57 -15.02
C VAL A 10 32.84 3.42 -14.35
N PHE A 11 31.94 3.76 -13.43
CA PHE A 11 31.05 2.81 -12.79
C PHE A 11 29.62 3.14 -13.19
N THR A 12 28.84 2.11 -13.54
CA THR A 12 27.42 2.26 -13.80
C THR A 12 26.62 1.57 -12.70
N THR A 13 25.39 2.04 -12.48
CA THR A 13 24.56 1.50 -11.43
C THR A 13 23.11 1.91 -11.69
N VAL A 14 22.19 1.23 -11.01
CA VAL A 14 20.81 1.66 -10.90
C VAL A 14 20.41 1.93 -9.45
N ASP A 15 21.23 1.51 -8.49
CA ASP A 15 20.91 1.61 -7.08
C ASP A 15 21.99 2.28 -6.25
N ASN A 16 23.17 2.56 -6.82
CA ASN A 16 24.31 3.12 -6.10
C ASN A 16 24.77 2.20 -4.98
N ILE A 17 24.38 0.94 -5.04
CA ILE A 17 24.83 -0.10 -4.11
C ILE A 17 25.70 -1.12 -4.83
N ASN A 18 25.26 -1.59 -6.00
CA ASN A 18 26.03 -2.49 -6.83
C ASN A 18 26.62 -1.67 -7.98
N LEU A 19 27.93 -1.55 -8.01
CA LEU A 19 28.62 -0.76 -9.02
C LEU A 19 29.23 -1.71 -10.05
N HIS A 20 29.03 -1.39 -11.32
CA HIS A 20 29.50 -2.22 -12.42
C HIS A 20 30.55 -1.46 -13.20
N THR A 21 31.78 -1.97 -13.20
CA THR A 21 32.89 -1.29 -13.87
C THR A 21 32.69 -1.35 -15.38
N GLN A 22 32.90 -0.22 -16.05
CA GLN A 22 32.72 -0.10 -17.49
C GLN A 22 33.86 0.68 -18.09
N VAL A 23 34.27 0.31 -19.29
CA VAL A 23 35.27 1.02 -20.08
C VAL A 23 34.52 1.76 -21.19
N VAL A 24 34.68 3.08 -21.23
CA VAL A 24 33.92 3.92 -22.16
C VAL A 24 34.89 4.51 -23.18
N ASP A 25 34.47 4.49 -24.45
CA ASP A 25 35.22 5.13 -25.51
C ASP A 25 34.94 6.63 -25.50
N MET A 26 35.98 7.44 -25.26
CA MET A 26 35.78 8.87 -25.18
C MET A 26 35.30 9.46 -26.50
N SER A 27 35.38 8.70 -27.60
CA SER A 27 34.92 9.17 -28.89
C SER A 27 33.40 9.09 -29.03
N MET A 28 32.75 8.23 -28.25
CA MET A 28 31.31 8.03 -28.33
C MET A 28 30.64 8.65 -27.13
N THR A 29 29.37 9.05 -27.31
CA THR A 29 28.60 9.61 -26.20
C THR A 29 28.13 8.50 -25.27
N TYR A 30 27.87 8.86 -24.01
CA TYR A 30 27.38 7.88 -23.06
C TYR A 30 26.11 7.22 -23.56
N GLY A 31 25.24 7.98 -24.21
CA GLY A 31 23.99 7.43 -24.71
C GLY A 31 24.20 6.32 -25.73
N GLN A 32 25.26 6.43 -26.54
CA GLN A 32 25.53 5.42 -27.55
C GLN A 32 26.09 4.14 -26.92
N GLN A 33 26.76 4.26 -25.79
CA GLN A 33 27.41 3.13 -25.13
C GLN A 33 26.56 2.50 -24.04
N PHE A 34 25.81 3.32 -23.29
CA PHE A 34 25.01 2.82 -22.19
C PHE A 34 23.51 3.05 -22.35
N GLY A 35 23.09 3.93 -23.26
CA GLY A 35 21.73 4.38 -23.29
C GLY A 35 21.57 5.60 -22.38
N PRO A 36 20.33 5.92 -21.99
CA PRO A 36 20.12 7.07 -21.10
C PRO A 36 21.00 7.00 -19.87
N THR A 37 21.87 7.99 -19.68
CA THR A 37 22.87 7.97 -18.62
C THR A 37 22.80 9.28 -17.84
N TYR A 38 23.05 9.18 -16.54
CA TYR A 38 22.92 10.32 -15.63
C TYR A 38 24.11 10.39 -14.70
N LEU A 39 24.55 11.61 -14.40
CA LEU A 39 25.60 11.86 -13.41
C LEU A 39 25.03 12.81 -12.37
N ASP A 40 24.81 12.31 -11.15
CA ASP A 40 24.25 13.11 -10.05
C ASP A 40 22.96 13.80 -10.49
N GLY A 41 22.12 13.07 -11.23
CA GLY A 41 20.86 13.59 -11.71
C GLY A 41 20.92 14.26 -13.06
N ALA A 42 22.11 14.71 -13.49
CA ALA A 42 22.24 15.40 -14.77
C ALA A 42 22.26 14.39 -15.91
N ASP A 43 21.41 14.63 -16.91
CA ASP A 43 21.36 13.77 -18.09
C ASP A 43 22.58 14.01 -18.97
N VAL A 44 23.48 13.02 -19.03
CA VAL A 44 24.69 13.10 -19.83
C VAL A 44 24.60 12.22 -21.07
N THR A 45 23.38 11.89 -21.50
CA THR A 45 23.20 10.96 -22.62
C THR A 45 23.89 11.48 -23.88
N LYS A 46 23.76 12.77 -24.17
CA LYS A 46 24.33 13.35 -25.38
C LYS A 46 25.69 13.98 -25.14
N ILE A 47 26.35 13.63 -24.05
CA ILE A 47 27.65 14.17 -23.68
C ILE A 47 28.71 13.08 -23.87
N LYS A 48 29.90 13.48 -24.37
CA LYS A 48 31.00 12.53 -24.47
C LYS A 48 31.87 12.59 -23.23
N PRO A 49 32.50 11.47 -22.86
CA PRO A 49 33.23 11.42 -21.59
C PRO A 49 34.33 12.47 -21.50
N HIS A 50 34.38 13.17 -20.37
CA HIS A 50 35.49 14.03 -20.00
C HIS A 50 36.46 13.25 -19.13
N ASN A 51 37.72 13.68 -19.13
CA ASN A 51 38.72 13.03 -18.29
C ASN A 51 38.34 13.11 -16.82
N SER A 52 37.59 14.16 -16.44
CA SER A 52 37.16 14.29 -15.06
C SER A 52 36.16 13.22 -14.67
N HIS A 53 35.55 12.53 -15.63
CA HIS A 53 34.57 11.49 -15.35
C HIS A 53 35.21 10.17 -14.92
N GLU A 54 36.53 10.09 -14.95
CA GLU A 54 37.22 8.85 -14.57
C GLU A 54 36.90 8.45 -13.14
N GLY A 55 36.47 7.20 -12.96
CA GLY A 55 36.18 6.67 -11.65
C GLY A 55 34.91 7.19 -11.01
N LYS A 56 34.07 7.90 -11.75
CA LYS A 56 32.80 8.37 -11.24
C LYS A 56 31.72 7.31 -11.43
N THR A 57 30.65 7.44 -10.65
CA THR A 57 29.50 6.52 -10.71
C THR A 57 28.38 7.18 -11.51
N PHE A 58 27.87 6.47 -12.52
CA PHE A 58 26.80 6.97 -13.38
C PHE A 58 25.58 6.10 -13.25
N TYR A 59 24.40 6.72 -13.23
CA TYR A 59 23.14 6.00 -13.23
C TYR A 59 22.75 5.71 -14.68
N VAL A 60 22.22 4.50 -14.92
CA VAL A 60 21.72 4.10 -16.22
C VAL A 60 20.33 3.50 -16.04
N LEU A 61 19.60 3.38 -17.14
CA LEU A 61 18.29 2.75 -17.05
C LEU A 61 18.45 1.23 -17.12
N PRO A 62 17.66 0.48 -16.36
CA PRO A 62 17.80 -0.98 -16.37
C PRO A 62 17.29 -1.59 -17.67
N ASN A 63 18.21 -1.98 -18.55
CA ASN A 63 17.85 -2.56 -19.84
C ASN A 63 18.17 -4.04 -19.92
N ASP A 64 18.60 -4.67 -18.82
CA ASP A 64 18.90 -6.09 -18.79
C ASP A 64 18.41 -6.68 -17.48
N ASP A 65 18.33 -8.01 -17.43
CA ASP A 65 17.76 -8.68 -16.25
C ASP A 65 18.53 -8.31 -14.99
N THR A 66 19.86 -8.27 -15.06
CA THR A 66 20.66 -7.96 -13.88
C THR A 66 20.28 -6.60 -13.30
N LEU A 67 20.25 -5.57 -14.15
CA LEU A 67 19.91 -4.25 -13.66
C LEU A 67 18.43 -4.16 -13.26
N ARG A 68 17.55 -4.88 -13.96
CA ARG A 68 16.14 -4.89 -13.58
C ARG A 68 15.95 -5.46 -12.17
N VAL A 69 16.60 -6.60 -11.89
CA VAL A 69 16.49 -7.20 -10.57
C VAL A 69 17.03 -6.24 -9.51
N GLU A 70 18.22 -5.69 -9.73
CA GLU A 70 18.80 -4.76 -8.78
C GLU A 70 17.87 -3.57 -8.54
N ALA A 71 17.28 -3.03 -9.61
CA ALA A 71 16.37 -1.90 -9.46
C ALA A 71 15.13 -2.28 -8.67
N PHE A 72 14.49 -3.41 -9.01
CA PHE A 72 13.28 -3.80 -8.32
C PHE A 72 13.56 -4.08 -6.85
N GLU A 73 14.66 -4.77 -6.56
CA GLU A 73 14.99 -5.08 -5.18
C GLU A 73 15.24 -3.81 -4.36
N TYR A 74 15.72 -2.75 -5.01
CA TYR A 74 16.08 -1.54 -4.27
C TYR A 74 14.93 -0.55 -4.18
N TYR A 75 14.18 -0.37 -5.27
CA TYR A 75 13.11 0.62 -5.30
C TYR A 75 11.72 0.02 -5.10
N HIS A 76 11.55 -1.28 -5.30
CA HIS A 76 10.26 -1.95 -5.13
C HIS A 76 9.19 -1.40 -6.06
N THR A 77 9.59 -1.02 -7.27
CA THR A 77 8.65 -0.58 -8.28
C THR A 77 9.09 -1.13 -9.64
N THR A 78 8.10 -1.37 -10.50
CA THR A 78 8.33 -1.80 -11.87
C THR A 78 8.12 -0.66 -12.87
N ASP A 79 7.74 0.52 -12.40
CA ASP A 79 7.48 1.68 -13.26
C ASP A 79 8.76 1.99 -14.04
N PRO A 80 8.76 1.83 -15.36
CA PRO A 80 10.00 2.09 -16.12
C PRO A 80 10.45 3.53 -16.08
N SER A 81 9.56 4.46 -15.75
CA SER A 81 9.92 5.87 -15.73
C SER A 81 10.45 6.32 -14.38
N PHE A 82 10.40 5.46 -13.36
CA PHE A 82 10.77 5.88 -12.01
C PHE A 82 12.17 6.46 -11.98
N LEU A 83 13.16 5.70 -12.49
CA LEU A 83 14.55 6.15 -12.35
C LEU A 83 14.75 7.48 -13.07
N GLY A 84 14.19 7.64 -14.27
CA GLY A 84 14.28 8.91 -14.96
C GLY A 84 13.68 10.06 -14.17
N ARG A 85 12.49 9.84 -13.60
CA ARG A 85 11.84 10.87 -12.79
C ARG A 85 12.61 11.14 -11.51
N TYR A 86 13.17 10.09 -10.90
CA TYR A 86 14.02 10.25 -9.72
C TYR A 86 15.24 11.12 -10.05
N MET A 87 15.91 10.81 -11.17
CA MET A 87 17.09 11.59 -11.55
C MET A 87 16.72 13.04 -11.85
N SER A 88 15.62 13.25 -12.58
CA SER A 88 15.20 14.62 -12.90
C SER A 88 14.97 15.43 -11.63
N ALA A 89 14.35 14.81 -10.63
CA ALA A 89 14.14 15.51 -9.36
C ALA A 89 15.46 15.75 -8.63
N LEU A 90 16.36 14.75 -8.66
CA LEU A 90 17.62 14.88 -7.95
C LEU A 90 18.45 16.03 -8.49
N ASN A 91 18.40 16.28 -9.80
CA ASN A 91 19.19 17.37 -10.36
C ASN A 91 18.78 18.72 -9.77
N HIS A 92 17.56 18.83 -9.23
CA HIS A 92 17.13 20.03 -8.54
C HIS A 92 17.36 19.93 -7.03
N THR A 93 16.93 18.82 -6.42
CA THR A 93 17.00 18.74 -4.95
C THR A 93 18.44 18.83 -4.47
N LYS A 94 19.41 18.39 -5.29
CA LYS A 94 20.81 18.49 -4.90
C LYS A 94 21.25 19.93 -4.77
N LYS A 95 20.58 20.85 -5.47
CA LYS A 95 20.90 22.27 -5.42
C LYS A 95 20.18 23.00 -4.30
N TRP A 96 19.17 22.37 -3.69
CA TRP A 96 18.49 22.96 -2.55
C TRP A 96 19.43 22.99 -1.35
N LYS A 97 19.16 23.92 -0.43
CA LYS A 97 19.89 24.00 0.83
C LYS A 97 19.09 23.34 1.94
N TYR A 98 19.80 22.66 2.85
CA TYR A 98 19.20 21.82 3.87
C TYR A 98 19.70 22.24 5.25
N PRO A 99 19.22 23.36 5.77
CA PRO A 99 19.71 23.85 7.06
C PRO A 99 19.21 23.02 8.23
N GLN A 100 20.06 22.90 9.25
CA GLN A 100 19.68 22.28 10.50
C GLN A 100 18.96 23.29 11.37
N VAL A 101 17.72 22.99 11.74
CA VAL A 101 16.91 23.88 12.57
C VAL A 101 16.43 23.08 13.77
N ASN A 102 16.86 23.47 14.96
CA ASN A 102 16.45 22.79 16.19
C ASN A 102 16.76 21.29 16.13
N GLY A 103 17.92 20.96 15.58
CA GLY A 103 18.32 19.57 15.49
C GLY A 103 17.59 18.77 14.43
N LEU A 104 16.82 19.43 13.57
CA LEU A 104 16.04 18.78 12.54
C LEU A 104 16.46 19.31 11.18
N THR A 105 16.58 18.43 10.20
CA THR A 105 16.91 18.82 8.85
C THR A 105 15.69 19.44 8.17
N SER A 106 15.87 20.64 7.61
CA SER A 106 14.80 21.35 6.91
C SER A 106 15.28 21.67 5.49
N ILE A 107 14.43 22.35 4.72
CA ILE A 107 14.78 22.77 3.36
C ILE A 107 14.53 24.26 3.24
N LYS A 108 15.52 24.99 2.71
CA LYS A 108 15.31 26.40 2.38
C LYS A 108 14.33 26.49 1.21
N TRP A 109 13.43 27.46 1.27
CA TRP A 109 12.34 27.49 0.31
C TRP A 109 12.88 27.63 -1.10
N ALA A 110 12.41 26.76 -1.98
CA ALA A 110 12.71 26.82 -3.40
C ALA A 110 11.70 25.92 -4.10
N ASP A 111 11.33 26.30 -5.32
CA ASP A 111 10.51 25.44 -6.19
C ASP A 111 9.28 24.90 -5.47
N ASN A 112 8.61 25.77 -4.72
CA ASN A 112 7.34 25.45 -4.05
C ASN A 112 7.46 24.20 -3.17
N ASN A 113 8.54 24.14 -2.38
CA ASN A 113 8.86 22.95 -1.60
C ASN A 113 8.43 23.06 -0.14
N SER A 114 7.57 24.02 0.21
CA SER A 114 7.16 24.13 1.62
C SER A 114 6.52 22.83 2.10
N TYR A 115 5.70 22.19 1.25
CA TYR A 115 5.06 20.96 1.66
C TYR A 115 6.08 19.85 1.87
N LEU A 116 7.14 19.83 1.06
CA LEU A 116 8.18 18.82 1.24
C LEU A 116 8.99 19.07 2.51
N ALA A 117 9.34 20.32 2.78
CA ALA A 117 10.03 20.64 4.02
C ALA A 117 9.20 20.22 5.22
N THR A 118 7.90 20.54 5.20
CA THR A 118 7.02 20.18 6.31
C THR A 118 6.92 18.67 6.47
N ALA A 119 6.82 17.94 5.36
CA ALA A 119 6.82 16.48 5.44
C ALA A 119 8.16 15.96 5.95
N LEU A 120 9.26 16.49 5.40
CA LEU A 120 10.59 16.08 5.85
C LEU A 120 10.74 16.26 7.36
N LEU A 121 10.30 17.41 7.88
CA LEU A 121 10.39 17.64 9.32
C LEU A 121 9.55 16.64 10.10
N THR A 122 8.33 16.37 9.62
CA THR A 122 7.46 15.42 10.31
C THR A 122 8.06 14.03 10.31
N LEU A 123 8.59 13.60 9.16
CA LEU A 123 9.14 12.25 9.06
C LEU A 123 10.26 12.02 10.06
N GLN A 124 11.00 13.07 10.42
CA GLN A 124 12.09 12.92 11.37
C GLN A 124 11.61 12.73 12.80
N GLN A 125 10.33 12.95 13.07
CA GLN A 125 9.81 12.90 14.43
C GLN A 125 8.91 11.69 14.67
N ILE A 126 8.68 10.87 13.65
CA ILE A 126 7.89 9.64 13.80
C ILE A 126 8.76 8.47 13.37
N GLU A 127 8.52 7.31 14.00
CA GLU A 127 9.29 6.11 13.73
C GLU A 127 8.62 5.34 12.59
N LEU A 128 9.32 5.22 11.47
CA LEU A 128 8.77 4.61 10.27
C LEU A 128 9.78 3.66 9.66
N LYS A 129 9.34 2.44 9.34
CA LYS A 129 10.17 1.44 8.68
C LYS A 129 9.70 1.29 7.24
N PHE A 130 10.47 1.83 6.31
CA PHE A 130 10.14 1.73 4.89
C PHE A 130 10.48 0.34 4.37
N ASN A 131 9.67 -0.14 3.43
CA ASN A 131 9.92 -1.44 2.81
C ASN A 131 11.00 -1.31 1.73
N PRO A 132 10.91 -0.33 0.82
CA PRO A 132 11.95 -0.18 -0.21
C PRO A 132 13.27 0.22 0.42
N PRO A 133 14.35 -0.53 0.16
CA PRO A 133 15.66 -0.11 0.68
C PRO A 133 16.05 1.29 0.27
N ALA A 134 15.66 1.72 -0.93
CA ALA A 134 15.97 3.07 -1.37
C ALA A 134 15.49 4.12 -0.38
N LEU A 135 14.24 3.98 0.09
CA LEU A 135 13.69 4.95 1.03
C LEU A 135 14.34 4.83 2.40
N GLN A 136 14.51 3.60 2.90
CA GLN A 136 15.10 3.44 4.22
C GLN A 136 16.51 4.01 4.28
N ASP A 137 17.32 3.78 3.24
CA ASP A 137 18.67 4.33 3.20
C ASP A 137 18.65 5.86 3.16
N ALA A 138 17.90 6.43 2.21
CA ALA A 138 17.83 7.88 2.09
C ALA A 138 17.20 8.52 3.33
N TYR A 139 16.26 7.81 3.96
CA TYR A 139 15.66 8.28 5.21
C TYR A 139 16.72 8.56 6.26
N TYR A 140 17.62 7.60 6.48
CA TYR A 140 18.63 7.77 7.51
C TYR A 140 19.70 8.76 7.10
N ARG A 141 19.97 8.88 5.80
CA ARG A 141 20.85 9.95 5.34
C ARG A 141 20.20 11.31 5.55
N ALA A 142 18.87 11.40 5.36
CA ALA A 142 18.17 12.65 5.57
C ALA A 142 18.20 13.04 7.05
N ARG A 143 17.96 12.08 7.95
CA ARG A 143 18.02 12.37 9.37
C ARG A 143 19.40 12.87 9.79
N ALA A 144 20.44 12.52 9.03
CA ALA A 144 21.80 12.94 9.32
C ALA A 144 22.19 14.26 8.67
N GLY A 145 21.35 14.81 7.79
CA GLY A 145 21.57 16.11 7.19
C GLY A 145 21.63 16.11 5.68
N GLU A 146 21.84 14.95 5.05
CA GLU A 146 21.90 14.82 3.59
C GLU A 146 20.55 14.30 3.09
N ALA A 147 19.66 15.23 2.74
CA ALA A 147 18.29 14.90 2.39
C ALA A 147 17.98 15.08 0.92
N ALA A 148 18.95 15.47 0.09
CA ALA A 148 18.66 15.72 -1.31
C ALA A 148 18.08 14.48 -1.98
N ASN A 149 18.67 13.31 -1.73
CA ASN A 149 18.20 12.08 -2.35
C ASN A 149 16.82 11.69 -1.82
N PHE A 150 16.62 11.80 -0.50
CA PHE A 150 15.31 11.47 0.08
C PHE A 150 14.21 12.30 -0.55
N CYS A 151 14.44 13.61 -0.68
CA CYS A 151 13.43 14.47 -1.28
C CYS A 151 13.16 14.08 -2.73
N ALA A 152 14.22 13.77 -3.49
CA ALA A 152 14.02 13.35 -4.86
C ALA A 152 13.21 12.07 -4.93
N LEU A 153 13.47 11.12 -4.02
CA LEU A 153 12.72 9.87 -4.00
C LEU A 153 11.25 10.12 -3.64
N ILE A 154 10.99 10.97 -2.66
CA ILE A 154 9.60 11.30 -2.30
C ILE A 154 8.86 11.82 -3.52
N LEU A 155 9.47 12.74 -4.25
CA LEU A 155 8.86 13.25 -5.48
C LEU A 155 8.60 12.12 -6.46
N ALA A 156 9.56 11.21 -6.62
CA ALA A 156 9.41 10.13 -7.59
C ALA A 156 8.29 9.18 -7.17
N TYR A 157 8.30 8.73 -5.92
CA TYR A 157 7.27 7.80 -5.46
C TYR A 157 5.88 8.42 -5.51
N CYS A 158 5.77 9.74 -5.30
CA CYS A 158 4.49 10.42 -5.30
C CYS A 158 4.08 10.92 -6.69
N ASN A 159 4.84 10.60 -7.73
CA ASN A 159 4.56 11.05 -9.09
C ASN A 159 4.36 12.56 -9.15
N LYS A 160 5.28 13.28 -8.51
CA LYS A 160 5.27 14.73 -8.49
C LYS A 160 6.62 15.24 -8.97
N THR A 161 6.58 16.34 -9.72
CA THR A 161 7.78 16.97 -10.25
C THR A 161 8.17 18.17 -9.40
N VAL A 162 9.45 18.55 -9.50
CA VAL A 162 9.92 19.75 -8.82
C VAL A 162 9.13 20.95 -9.30
N GLY A 163 8.67 21.77 -8.35
CA GLY A 163 7.84 22.91 -8.65
C GLY A 163 6.36 22.65 -8.55
N GLU A 164 5.94 21.40 -8.59
CA GLU A 164 4.53 21.06 -8.52
C GLU A 164 4.00 21.31 -7.11
N LEU A 165 2.81 21.90 -7.02
CA LEU A 165 2.18 22.11 -5.73
C LEU A 165 1.84 20.77 -5.10
N GLY A 166 1.99 20.69 -3.77
CA GLY A 166 1.83 19.43 -3.07
C GLY A 166 1.13 19.59 -1.74
N ASP A 167 0.66 18.46 -1.23
CA ASP A 167 -0.13 18.38 0.00
C ASP A 167 0.58 17.46 0.98
N VAL A 168 0.80 17.96 2.21
CA VAL A 168 1.53 17.17 3.21
C VAL A 168 0.78 15.88 3.52
N ARG A 169 -0.51 16.00 3.81
CA ARG A 169 -1.30 14.82 4.14
C ARG A 169 -1.19 13.75 3.05
N GLU A 170 -1.40 14.15 1.79
CA GLU A 170 -1.25 13.21 0.68
C GLU A 170 0.13 12.57 0.71
N THR A 171 1.17 13.41 0.80
CA THR A 171 2.55 12.91 0.73
C THR A 171 2.82 11.92 1.85
N MET A 172 2.36 12.22 3.07
CA MET A 172 2.56 11.30 4.17
C MET A 172 1.83 9.98 3.93
N SER A 173 0.60 10.06 3.42
CA SER A 173 -0.18 8.85 3.17
C SER A 173 0.52 7.94 2.17
N TYR A 174 1.01 8.52 1.06
CA TYR A 174 1.64 7.71 0.03
C TYR A 174 2.96 7.11 0.52
N LEU A 175 3.66 7.82 1.40
CA LEU A 175 4.86 7.25 2.00
C LEU A 175 4.50 6.16 3.00
N PHE A 176 3.43 6.36 3.78
CA PHE A 176 2.99 5.31 4.70
C PHE A 176 2.66 4.02 3.96
N GLN A 177 2.15 4.14 2.73
CA GLN A 177 1.79 2.97 1.93
C GLN A 177 3.01 2.24 1.40
N HIS A 178 4.21 2.81 1.56
CA HIS A 178 5.46 2.12 1.29
C HIS A 178 6.19 1.75 2.59
N ALA A 179 5.47 1.68 3.70
CA ALA A 179 6.05 1.40 5.00
C ALA A 179 5.38 0.18 5.62
N ASN A 180 6.08 -0.44 6.57
CA ASN A 180 5.56 -1.60 7.29
C ASN A 180 4.77 -1.10 8.50
N LEU A 181 3.45 -1.11 8.39
CA LEU A 181 2.55 -0.73 9.46
C LEU A 181 1.57 -1.86 9.81
N ASP A 182 1.99 -3.11 9.55
CA ASP A 182 1.09 -4.25 9.70
C ASP A 182 0.56 -4.38 11.13
N SER A 183 1.35 -3.99 12.12
CA SER A 183 0.93 -4.12 13.51
C SER A 183 0.00 -2.99 13.95
N CYS A 184 -0.16 -1.93 13.16
CA CYS A 184 -1.03 -0.84 13.54
C CYS A 184 -2.49 -1.26 13.45
N LYS A 185 -3.29 -0.80 14.42
CA LYS A 185 -4.69 -1.19 14.50
C LYS A 185 -5.52 -0.08 15.13
N ARG A 186 -6.74 0.11 14.63
CA ARG A 186 -7.72 1.01 15.22
C ARG A 186 -9.04 0.26 15.27
N VAL A 187 -9.51 -0.02 16.48
CA VAL A 187 -10.76 -0.74 16.71
C VAL A 187 -11.86 0.29 16.96
N LEU A 188 -12.93 0.21 16.18
CA LEU A 188 -14.08 1.11 16.30
C LEU A 188 -15.28 0.35 16.84
N ASN A 189 -15.96 0.93 17.82
CA ASN A 189 -17.15 0.35 18.42
C ASN A 189 -18.30 1.35 18.37
N VAL A 190 -19.46 0.90 17.90
CA VAL A 190 -20.63 1.77 17.82
C VAL A 190 -21.17 2.02 19.22
N VAL A 191 -21.50 3.28 19.51
CA VAL A 191 -22.08 3.66 20.79
C VAL A 191 -23.59 3.72 20.59
N CYS A 192 -24.29 2.75 21.16
CA CYS A 192 -25.74 2.64 21.02
C CYS A 192 -26.27 1.89 22.23
N LYS A 193 -27.56 2.08 22.50
CA LYS A 193 -28.25 1.25 23.48
C LYS A 193 -29.03 0.11 22.84
N THR A 194 -29.41 0.24 21.57
CA THR A 194 -30.29 -0.73 20.92
C THR A 194 -29.58 -1.62 19.92
N CYS A 195 -28.46 -1.18 19.33
CA CYS A 195 -27.76 -1.96 18.31
C CYS A 195 -26.88 -3.06 18.88
N GLY A 196 -26.67 -3.10 20.19
CA GLY A 196 -25.81 -4.12 20.78
C GLY A 196 -24.34 -3.91 20.46
N GLN A 197 -23.63 -5.01 20.23
CA GLN A 197 -22.18 -5.02 20.08
C GLN A 197 -21.83 -4.93 18.59
N GLN A 198 -21.29 -3.79 18.17
CA GLN A 198 -20.90 -3.59 16.78
C GLN A 198 -19.48 -3.04 16.73
N GLN A 199 -18.57 -3.81 16.14
CA GLN A 199 -17.17 -3.43 16.10
C GLN A 199 -16.57 -3.76 14.74
N THR A 200 -15.68 -2.88 14.27
CA THR A 200 -14.89 -3.14 13.09
C THR A 200 -13.47 -2.66 13.37
N THR A 201 -12.50 -3.30 12.71
CA THR A 201 -11.09 -3.07 12.98
C THR A 201 -10.40 -2.62 11.70
N LEU A 202 -9.68 -1.50 11.78
CA LEU A 202 -8.82 -1.02 10.72
C LEU A 202 -7.39 -1.43 11.06
N LYS A 203 -6.73 -2.11 10.12
CA LYS A 203 -5.36 -2.56 10.33
C LYS A 203 -4.47 -2.00 9.23
N GLY A 204 -3.26 -1.60 9.60
CA GLY A 204 -2.33 -1.09 8.63
C GLY A 204 -2.43 0.42 8.45
N VAL A 205 -2.23 0.86 7.21
CA VAL A 205 -2.11 2.28 6.92
C VAL A 205 -3.37 3.04 7.35
N GLU A 206 -4.55 2.42 7.20
CA GLU A 206 -5.78 3.12 7.57
C GLU A 206 -5.82 3.48 9.05
N ALA A 207 -5.11 2.72 9.88
CA ALA A 207 -5.17 2.94 11.32
C ALA A 207 -4.39 4.17 11.77
N VAL A 208 -3.45 4.68 10.96
CA VAL A 208 -2.59 5.78 11.39
C VAL A 208 -3.03 7.13 10.82
N MET A 209 -4.17 7.17 10.14
CA MET A 209 -4.64 8.39 9.49
C MET A 209 -6.11 8.61 9.82
N TYR A 210 -6.50 9.87 10.02
CA TYR A 210 -7.90 10.20 10.24
C TYR A 210 -8.18 11.60 9.71
N MET A 211 -9.31 11.73 9.02
CA MET A 211 -9.74 12.99 8.43
C MET A 211 -11.05 13.44 9.07
N GLY A 212 -11.11 14.70 9.48
CA GLY A 212 -12.33 15.26 10.04
C GLY A 212 -12.11 16.16 11.23
N THR A 213 -11.18 15.79 12.12
CA THR A 213 -10.87 16.60 13.29
C THR A 213 -9.37 16.55 13.51
N LEU A 214 -8.86 17.57 14.21
CA LEU A 214 -7.45 17.65 14.54
C LEU A 214 -7.13 17.16 15.95
N SER A 215 -8.10 17.15 16.86
CA SER A 215 -7.85 16.82 18.25
C SER A 215 -7.93 15.33 18.51
N TYR A 216 -6.88 14.77 19.13
CA TYR A 216 -6.93 13.38 19.54
C TYR A 216 -7.80 13.21 20.78
N GLU A 217 -7.77 14.19 21.70
CA GLU A 217 -8.60 14.12 22.89
C GLU A 217 -10.07 13.94 22.51
N GLN A 218 -10.56 14.74 21.57
CA GLN A 218 -11.94 14.60 21.11
C GLN A 218 -12.16 13.29 20.36
N PHE A 219 -11.23 12.96 19.46
CA PHE A 219 -11.34 11.75 18.65
C PHE A 219 -11.45 10.51 19.54
N LYS A 220 -10.67 10.46 20.60
CA LYS A 220 -10.75 9.36 21.55
C LYS A 220 -12.09 9.33 22.28
N LYS A 221 -12.56 10.50 22.73
CA LYS A 221 -13.82 10.56 23.47
C LYS A 221 -14.99 10.07 22.62
N GLY A 222 -15.08 10.51 21.37
CA GLY A 222 -16.21 10.14 20.54
C GLY A 222 -16.00 10.40 19.06
N VAL A 223 -16.69 9.62 18.22
CA VAL A 223 -16.55 9.67 16.77
C VAL A 223 -15.10 9.94 16.38
N THR A 234 -22.72 8.56 13.70
CA THR A 234 -23.14 7.99 14.98
C THR A 234 -21.93 8.00 15.91
N LYS A 235 -22.19 7.88 17.21
CA LYS A 235 -21.12 7.85 18.21
C LYS A 235 -20.31 6.56 18.10
N TYR A 236 -18.98 6.71 18.10
CA TYR A 236 -18.04 5.59 18.00
C TYR A 236 -16.93 5.74 19.03
N LEU A 237 -16.73 4.69 19.84
CA LEU A 237 -15.55 4.63 20.71
C LEU A 237 -14.39 4.04 19.93
N VAL A 238 -13.20 4.59 20.14
CA VAL A 238 -12.02 4.27 19.35
C VAL A 238 -10.95 3.70 20.27
N GLN A 239 -10.31 2.62 19.82
CA GLN A 239 -9.12 2.07 20.47
C GLN A 239 -7.98 2.17 19.46
N GLN A 240 -6.96 2.99 19.78
CA GLN A 240 -5.88 3.30 18.85
C GLN A 240 -4.62 2.58 19.31
N GLU A 241 -4.05 1.76 18.43
CA GLU A 241 -2.81 1.03 18.70
C GLU A 241 -1.89 1.26 17.50
N SER A 242 -1.07 2.31 17.57
CA SER A 242 -0.14 2.65 16.51
C SER A 242 1.00 3.46 17.10
N PRO A 243 2.19 3.42 16.49
CA PRO A 243 3.27 4.29 16.97
C PRO A 243 2.97 5.77 16.82
N PHE A 244 2.15 6.14 15.84
CA PHE A 244 1.81 7.52 15.58
C PHE A 244 0.43 7.56 14.94
N VAL A 245 -0.18 8.73 14.92
CA VAL A 245 -1.43 8.95 14.22
C VAL A 245 -1.42 10.35 13.62
N MET A 246 -1.90 10.47 12.39
CA MET A 246 -2.01 11.74 11.69
C MET A 246 -3.48 12.13 11.61
N MET A 247 -3.81 13.30 12.18
CA MET A 247 -5.15 13.86 12.14
C MET A 247 -5.15 15.06 11.20
N SER A 248 -6.13 15.11 10.30
CA SER A 248 -6.24 16.18 9.32
C SER A 248 -7.66 16.74 9.31
N ALA A 249 -7.78 18.01 8.98
CA ALA A 249 -9.05 18.70 8.89
C ALA A 249 -8.87 19.95 8.03
N PRO A 250 -9.96 20.51 7.53
CA PRO A 250 -9.83 21.75 6.73
C PRO A 250 -9.10 22.82 7.52
N PRO A 251 -8.25 23.61 6.87
CA PRO A 251 -7.50 24.64 7.60
C PRO A 251 -8.45 25.62 8.28
N ALA A 252 -8.30 25.74 9.60
CA ALA A 252 -9.08 26.67 10.39
C ALA A 252 -8.23 27.15 11.56
N GLN A 253 -8.57 28.32 12.08
CA GLN A 253 -7.87 28.84 13.24
C GLN A 253 -7.96 27.82 14.39
N TYR A 254 -6.79 27.49 14.95
CA TYR A 254 -6.67 26.39 15.89
C TYR A 254 -5.52 26.71 16.83
N GLU A 255 -5.72 26.49 18.12
CA GLU A 255 -4.71 26.78 19.13
C GLU A 255 -3.92 25.50 19.42
N LEU A 256 -2.60 25.57 19.24
CA LEU A 256 -1.72 24.45 19.53
C LEU A 256 -1.16 24.63 20.93
N LYS A 257 -1.57 23.77 21.86
CA LYS A 257 -1.11 23.84 23.23
C LYS A 257 0.13 22.96 23.38
N HIS A 258 1.18 23.55 23.96
CA HIS A 258 2.43 22.81 24.13
C HIS A 258 2.23 21.56 24.98
N GLY A 259 2.82 20.46 24.51
CA GLY A 259 2.78 19.19 25.22
C GLY A 259 1.58 18.32 24.88
N THR A 260 0.64 18.84 24.09
CA THR A 260 -0.57 18.11 23.74
C THR A 260 -0.49 17.46 22.37
N PHE A 261 0.64 17.60 21.68
CA PHE A 261 0.83 17.06 20.34
C PHE A 261 2.33 16.95 20.09
N THR A 262 2.68 16.30 18.98
CA THR A 262 4.08 16.15 18.59
C THR A 262 4.50 17.21 17.58
N CYS A 263 3.80 17.29 16.44
CA CYS A 263 4.04 18.35 15.47
C CYS A 263 2.77 18.54 14.66
N ALA A 264 2.75 19.62 13.88
CA ALA A 264 1.56 20.00 13.14
C ALA A 264 1.93 20.78 11.89
N SER A 265 1.01 20.78 10.92
CA SER A 265 1.18 21.49 9.67
C SER A 265 0.22 22.67 9.62
N GLU A 266 0.75 23.86 9.30
CA GLU A 266 -0.05 25.04 9.05
C GLU A 266 -0.08 25.32 7.56
N TYR A 267 -1.24 25.72 7.05
CA TYR A 267 -1.41 26.04 5.64
C TYR A 267 -2.12 27.38 5.52
N THR A 268 -1.51 28.31 4.80
CA THR A 268 -2.09 29.61 4.49
C THR A 268 -2.38 29.65 3.00
N GLY A 269 -3.48 30.28 2.62
CA GLY A 269 -3.89 30.31 1.23
C GLY A 269 -4.01 31.70 0.66
N ASN A 270 -3.16 32.62 1.12
CA ASN A 270 -3.24 34.00 0.64
C ASN A 270 -3.10 34.03 -0.88
N TYR A 271 -4.06 34.67 -1.54
CA TYR A 271 -4.06 34.83 -2.99
C TYR A 271 -4.09 33.48 -3.71
N GLN A 272 -4.68 32.48 -3.06
CA GLN A 272 -4.76 31.11 -3.58
C GLN A 272 -3.39 30.53 -3.88
N CYS A 273 -2.34 31.15 -3.34
CA CYS A 273 -0.98 30.66 -3.46
C CYS A 273 -0.62 30.04 -2.10
N GLY A 274 -0.63 28.72 -2.04
CA GLY A 274 -0.48 28.04 -0.77
C GLY A 274 0.91 28.16 -0.19
N HIS A 275 1.00 27.99 1.13
CA HIS A 275 2.28 27.91 1.81
C HIS A 275 2.09 27.18 3.12
N TYR A 276 3.09 26.35 3.45
CA TYR A 276 3.08 25.48 4.62
C TYR A 276 4.10 25.95 5.64
N LYS A 277 3.78 25.78 6.92
CA LYS A 277 4.74 25.93 7.99
C LYS A 277 4.61 24.72 8.92
N HIS A 278 5.69 24.44 9.64
CA HIS A 278 5.75 23.29 10.53
C HIS A 278 5.90 23.77 11.97
N ILE A 279 5.03 23.29 12.84
CA ILE A 279 5.10 23.59 14.27
C ILE A 279 5.39 22.27 14.99
N THR A 280 6.46 22.24 15.76
CA THR A 280 6.84 21.09 16.57
C THR A 280 6.84 21.49 18.04
N SER A 281 6.48 20.54 18.90
CA SER A 281 6.40 20.77 20.33
C SER A 281 7.63 20.13 20.98
N LYS A 282 8.56 20.97 21.42
CA LYS A 282 9.76 20.54 22.11
C LYS A 282 9.67 21.03 23.56
N GLU A 283 10.71 21.67 24.12
CA GLU A 283 10.53 22.32 25.41
C GLU A 283 9.55 23.48 25.28
N THR A 284 9.45 24.05 24.09
CA THR A 284 8.50 25.10 23.75
C THR A 284 8.07 24.87 22.31
N LEU A 285 7.18 25.71 21.82
CA LEU A 285 6.72 25.59 20.44
C LEU A 285 7.71 26.22 19.49
N TYR A 286 7.94 25.56 18.36
CA TYR A 286 8.86 26.03 17.33
C TYR A 286 8.14 26.01 16.00
N CYS A 287 8.09 27.15 15.32
CA CYS A 287 7.50 27.26 13.98
C CYS A 287 8.66 27.30 13.00
N ILE A 288 8.90 26.17 12.34
CA ILE A 288 9.96 26.04 11.34
C ILE A 288 9.32 26.28 9.97
N ASP A 289 9.70 27.38 9.34
CA ASP A 289 9.26 27.75 8.00
C ASP A 289 10.50 27.70 7.11
N GLY A 290 10.80 26.51 6.58
CA GLY A 290 12.01 26.34 5.79
C GLY A 290 13.26 26.62 6.62
N ALA A 291 14.02 27.63 6.20
CA ALA A 291 15.18 28.08 6.98
C ALA A 291 14.77 28.89 8.20
N LEU A 292 13.59 29.50 8.16
CA LEU A 292 13.15 30.41 9.22
C LEU A 292 12.70 29.64 10.47
N LEU A 293 12.94 30.25 11.63
CA LEU A 293 12.54 29.67 12.91
C LEU A 293 11.94 30.74 13.79
N THR A 294 10.75 30.47 14.32
CA THR A 294 10.11 31.34 15.29
C THR A 294 9.70 30.50 16.48
N LYS A 295 10.04 30.96 17.68
CA LYS A 295 9.78 30.25 18.92
C LYS A 295 8.73 31.03 19.70
N SER A 296 7.72 30.31 20.18
CA SER A 296 6.64 30.91 20.96
C SER A 296 6.20 29.94 22.05
N SER A 297 5.56 30.48 23.07
CA SER A 297 4.95 29.64 24.09
C SER A 297 3.55 29.20 23.70
N GLU A 298 2.87 29.98 22.85
CA GLU A 298 1.55 29.64 22.35
C GLU A 298 1.52 29.87 20.84
N TYR A 299 0.64 29.14 20.16
CA TYR A 299 0.50 29.26 18.72
C TYR A 299 -0.96 29.14 18.33
N LYS A 300 -1.45 30.11 17.57
CA LYS A 300 -2.77 30.05 16.95
C LYS A 300 -2.60 30.32 15.47
N GLY A 301 -3.10 29.42 14.63
CA GLY A 301 -2.96 29.53 13.20
C GLY A 301 -3.89 28.60 12.46
N PRO A 302 -3.89 28.67 11.13
CA PRO A 302 -4.74 27.78 10.31
C PRO A 302 -4.13 26.38 10.15
N ILE A 303 -4.29 25.56 11.18
CA ILE A 303 -3.70 24.21 11.20
C ILE A 303 -4.55 23.28 10.35
N THR A 304 -3.89 22.34 9.67
CA THR A 304 -4.58 21.36 8.85
C THR A 304 -4.17 19.92 9.13
N ASP A 305 -2.99 19.68 9.71
CA ASP A 305 -2.57 18.36 10.15
C ASP A 305 -1.98 18.47 11.54
N VAL A 306 -2.27 17.48 12.39
CA VAL A 306 -1.64 17.36 13.70
C VAL A 306 -1.21 15.91 13.88
N PHE A 307 0.02 15.71 14.33
CA PHE A 307 0.60 14.39 14.52
C PHE A 307 0.80 14.11 16.00
N TYR A 308 0.42 12.90 16.42
CA TYR A 308 0.56 12.48 17.81
C TYR A 308 1.34 11.17 17.84
N LYS A 309 2.18 11.02 18.86
CA LYS A 309 3.00 9.83 19.02
C LYS A 309 2.56 9.02 20.23
N GLU A 310 2.76 7.72 20.14
CA GLU A 310 2.56 6.79 21.24
C GLU A 310 3.85 6.68 22.02
N ASN A 311 3.73 6.51 23.34
CA ASN A 311 4.89 6.38 24.20
C ASN A 311 4.98 4.99 24.84
N VAL B 5 22.25 -44.10 -4.35
CA VAL B 5 22.11 -45.11 -5.38
C VAL B 5 20.77 -44.95 -6.09
N ARG B 6 19.67 -45.16 -5.36
CA ARG B 6 18.35 -45.00 -5.95
C ARG B 6 17.95 -43.52 -5.92
N THR B 7 17.50 -43.00 -7.07
CA THR B 7 17.17 -41.59 -7.17
C THR B 7 15.99 -41.41 -8.12
N ILE B 8 15.24 -40.32 -7.91
CA ILE B 8 14.21 -39.87 -8.83
C ILE B 8 14.48 -38.41 -9.17
N LYS B 9 13.90 -37.97 -10.28
CA LYS B 9 14.02 -36.59 -10.74
C LYS B 9 12.74 -35.84 -10.36
N VAL B 10 12.89 -34.73 -9.64
CA VAL B 10 11.78 -33.87 -9.26
C VAL B 10 12.11 -32.45 -9.69
N PHE B 11 11.12 -31.57 -9.58
CA PHE B 11 11.27 -30.14 -9.82
C PHE B 11 11.04 -29.39 -8.51
N THR B 12 11.91 -28.41 -8.23
CA THR B 12 11.73 -27.51 -7.10
C THR B 12 11.39 -26.12 -7.63
N THR B 13 10.69 -25.35 -6.80
CA THR B 13 10.26 -24.03 -7.23
C THR B 13 9.86 -23.22 -6.01
N VAL B 14 9.77 -21.91 -6.20
CA VAL B 14 9.14 -21.02 -5.23
C VAL B 14 7.95 -20.28 -5.82
N ASP B 15 7.79 -20.30 -7.15
CA ASP B 15 6.75 -19.54 -7.82
C ASP B 15 5.90 -20.38 -8.78
N ASN B 16 6.30 -21.63 -9.05
CA ASN B 16 5.62 -22.50 -10.01
C ASN B 16 5.66 -21.94 -11.42
N ILE B 17 6.57 -21.01 -11.68
CA ILE B 17 6.82 -20.48 -13.01
C ILE B 17 8.19 -20.92 -13.51
N ASN B 18 9.21 -20.79 -12.67
CA ASN B 18 10.56 -21.25 -12.97
C ASN B 18 10.77 -22.56 -12.21
N LEU B 19 10.94 -23.66 -12.95
CA LEU B 19 11.11 -24.98 -12.38
C LEU B 19 12.57 -25.39 -12.44
N HIS B 20 13.09 -25.90 -11.33
CA HIS B 20 14.50 -26.26 -11.22
C HIS B 20 14.61 -27.77 -11.05
N THR B 21 15.23 -28.43 -12.03
CA THR B 21 15.35 -29.89 -11.99
C THR B 21 16.32 -30.30 -10.89
N GLN B 22 15.93 -31.32 -10.13
CA GLN B 22 16.74 -31.81 -9.03
C GLN B 22 16.72 -33.33 -9.02
N VAL B 23 17.84 -33.93 -8.64
CA VAL B 23 17.97 -35.37 -8.46
C VAL B 23 18.00 -35.61 -6.95
N VAL B 24 17.05 -36.40 -6.45
CA VAL B 24 16.89 -36.62 -5.01
C VAL B 24 17.26 -38.05 -4.67
N ASP B 25 17.97 -38.21 -3.56
CA ASP B 25 18.30 -39.53 -3.02
C ASP B 25 17.08 -40.05 -2.27
N MET B 26 16.51 -41.16 -2.76
CA MET B 26 15.32 -41.72 -2.12
C MET B 26 15.60 -42.20 -0.70
N SER B 27 16.87 -42.28 -0.31
CA SER B 27 17.23 -42.69 1.05
C SER B 27 17.05 -41.58 2.08
N MET B 28 17.07 -40.33 1.65
CA MET B 28 17.01 -39.17 2.53
C MET B 28 15.66 -38.49 2.44
N THR B 29 15.30 -37.78 3.51
CA THR B 29 14.07 -37.00 3.52
C THR B 29 14.27 -35.73 2.69
N TYR B 30 13.16 -35.20 2.18
CA TYR B 30 13.22 -33.95 1.42
C TYR B 30 13.85 -32.84 2.25
N GLY B 31 13.58 -32.82 3.55
CA GLY B 31 14.16 -31.80 4.41
C GLY B 31 15.67 -31.85 4.46
N GLN B 32 16.24 -33.06 4.35
CA GLN B 32 17.69 -33.18 4.37
C GLN B 32 18.33 -32.69 3.08
N GLN B 33 17.60 -32.79 1.96
CA GLN B 33 18.13 -32.45 0.66
C GLN B 33 17.74 -31.03 0.21
N PHE B 34 16.53 -30.60 0.52
CA PHE B 34 16.03 -29.30 0.08
C PHE B 34 15.72 -28.34 1.23
N GLY B 35 15.57 -28.83 2.45
CA GLY B 35 15.04 -28.03 3.52
C GLY B 35 13.53 -28.18 3.55
N PRO B 36 12.84 -27.25 4.22
CA PRO B 36 11.37 -27.32 4.24
C PRO B 36 10.79 -27.43 2.84
N THR B 37 10.07 -28.51 2.58
CA THR B 37 9.59 -28.84 1.25
C THR B 37 8.10 -29.13 1.32
N TYR B 38 7.38 -28.76 0.25
CA TYR B 38 5.94 -28.89 0.21
C TYR B 38 5.50 -29.47 -1.13
N LEU B 39 4.49 -30.32 -1.10
CA LEU B 39 3.86 -30.85 -2.30
C LEU B 39 2.38 -30.48 -2.24
N ASP B 40 1.96 -29.56 -3.12
CA ASP B 40 0.57 -29.11 -3.17
C ASP B 40 0.09 -28.67 -1.79
N GLY B 41 0.95 -27.95 -1.08
CA GLY B 41 0.63 -27.44 0.24
C GLY B 41 1.00 -28.37 1.38
N ALA B 42 1.13 -29.66 1.10
CA ALA B 42 1.43 -30.65 2.14
C ALA B 42 2.91 -30.59 2.49
N ASP B 43 3.20 -30.49 3.79
CA ASP B 43 4.57 -30.47 4.27
C ASP B 43 5.16 -31.87 4.14
N VAL B 44 6.08 -32.06 3.19
CA VAL B 44 6.72 -33.34 2.97
C VAL B 44 8.18 -33.32 3.45
N THR B 45 8.49 -32.38 4.34
CA THR B 45 9.88 -32.19 4.77
C THR B 45 10.45 -33.45 5.39
N LYS B 46 9.66 -34.13 6.23
CA LYS B 46 10.13 -35.31 6.95
C LYS B 46 9.77 -36.60 6.23
N ILE B 47 9.43 -36.53 4.95
CA ILE B 47 9.05 -37.69 4.16
C ILE B 47 10.15 -38.00 3.17
N LYS B 48 10.38 -39.29 2.94
CA LYS B 48 11.37 -39.67 1.94
C LYS B 48 10.67 -39.87 0.60
N PRO B 49 11.38 -39.62 -0.51
CA PRO B 49 10.71 -39.65 -1.83
C PRO B 49 10.06 -40.99 -2.11
N HIS B 50 8.81 -40.93 -2.58
CA HIS B 50 8.12 -42.09 -3.12
C HIS B 50 8.32 -42.13 -4.63
N ASN B 51 8.20 -43.33 -5.21
CA ASN B 51 8.36 -43.46 -6.66
C ASN B 51 7.31 -42.65 -7.40
N SER B 52 6.14 -42.45 -6.80
CA SER B 52 5.09 -41.67 -7.44
C SER B 52 5.44 -40.19 -7.55
N HIS B 53 6.46 -39.73 -6.83
CA HIS B 53 6.87 -38.33 -6.88
C HIS B 53 7.68 -37.98 -8.12
N GLU B 54 7.96 -38.97 -8.97
CA GLU B 54 8.81 -38.74 -10.14
C GLU B 54 8.21 -37.64 -11.01
N GLY B 55 9.01 -36.62 -11.31
CA GLY B 55 8.58 -35.55 -12.19
C GLY B 55 7.56 -34.60 -11.62
N LYS B 56 7.29 -34.65 -10.31
CA LYS B 56 6.37 -33.71 -9.70
C LYS B 56 7.10 -32.44 -9.28
N THR B 57 6.33 -31.37 -9.10
CA THR B 57 6.87 -30.08 -8.70
C THR B 57 6.65 -29.87 -7.21
N PHE B 58 7.74 -29.54 -6.51
CA PHE B 58 7.72 -29.32 -5.07
C PHE B 58 8.09 -27.86 -4.79
N TYR B 59 7.41 -27.25 -3.83
CA TYR B 59 7.75 -25.92 -3.36
C TYR B 59 8.81 -26.02 -2.27
N VAL B 60 9.78 -25.10 -2.30
CA VAL B 60 10.81 -25.02 -1.28
C VAL B 60 10.90 -23.58 -0.81
N LEU B 61 11.55 -23.39 0.33
CA LEU B 61 11.72 -22.04 0.84
C LEU B 61 12.93 -21.36 0.19
N PRO B 62 12.84 -20.04 -0.05
CA PRO B 62 13.97 -19.36 -0.71
C PRO B 62 15.21 -19.33 0.18
N ASN B 63 16.15 -20.23 -0.11
CA ASN B 63 17.37 -20.36 0.67
C ASN B 63 18.63 -19.92 -0.08
N ASP B 64 18.49 -19.41 -1.30
CA ASP B 64 19.63 -18.92 -2.07
C ASP B 64 19.20 -17.68 -2.84
N ASP B 65 20.18 -16.92 -3.34
CA ASP B 65 19.87 -15.66 -4.00
C ASP B 65 18.92 -15.88 -5.18
N THR B 66 19.15 -16.93 -5.97
CA THR B 66 18.30 -17.17 -7.13
C THR B 66 16.84 -17.32 -6.73
N LEU B 67 16.57 -18.18 -5.74
CA LEU B 67 15.20 -18.38 -5.30
C LEU B 67 14.63 -17.15 -4.60
N ARG B 68 15.48 -16.40 -3.88
CA ARG B 68 14.99 -15.17 -3.25
C ARG B 68 14.50 -14.18 -4.30
N VAL B 69 15.29 -13.99 -5.37
CA VAL B 69 14.88 -13.09 -6.43
C VAL B 69 13.57 -13.57 -7.06
N GLU B 70 13.51 -14.85 -7.42
CA GLU B 70 12.31 -15.39 -8.03
C GLU B 70 11.10 -15.20 -7.11
N ALA B 71 11.28 -15.46 -5.81
CA ALA B 71 10.17 -15.32 -4.88
C ALA B 71 9.73 -13.85 -4.78
N PHE B 72 10.69 -12.94 -4.62
CA PHE B 72 10.32 -11.53 -4.48
C PHE B 72 9.65 -11.01 -5.75
N GLU B 73 10.17 -11.39 -6.92
CA GLU B 73 9.58 -10.90 -8.16
C GLU B 73 8.14 -11.39 -8.33
N TYR B 74 7.81 -12.56 -7.76
CA TYR B 74 6.50 -13.15 -7.99
C TYR B 74 5.50 -12.74 -6.92
N TYR B 75 5.92 -12.70 -5.65
CA TYR B 75 5.02 -12.39 -4.55
C TYR B 75 5.10 -10.94 -4.10
N HIS B 76 6.19 -10.24 -4.41
CA HIS B 76 6.37 -8.84 -4.03
C HIS B 76 6.36 -8.65 -2.52
N THR B 77 6.88 -9.63 -1.78
CA THR B 77 7.03 -9.51 -0.34
C THR B 77 8.38 -10.09 0.06
N THR B 78 8.96 -9.54 1.13
CA THR B 78 10.20 -10.02 1.69
C THR B 78 9.98 -10.85 2.96
N ASP B 79 8.74 -10.99 3.40
CA ASP B 79 8.41 -11.75 4.61
C ASP B 79 8.88 -13.19 4.47
N PRO B 80 9.84 -13.65 5.27
CA PRO B 80 10.31 -15.04 5.13
C PRO B 80 9.25 -16.08 5.45
N SER B 81 8.20 -15.72 6.18
CA SER B 81 7.17 -16.68 6.56
C SER B 81 6.06 -16.80 5.52
N PHE B 82 6.06 -15.95 4.50
CA PHE B 82 4.94 -15.92 3.55
C PHE B 82 4.71 -17.28 2.91
N LEU B 83 5.76 -17.86 2.31
CA LEU B 83 5.57 -19.09 1.54
C LEU B 83 5.06 -20.22 2.41
N GLY B 84 5.60 -20.37 3.63
CA GLY B 84 5.09 -21.38 4.54
C GLY B 84 3.62 -21.18 4.88
N ARG B 85 3.24 -19.93 5.17
CA ARG B 85 1.83 -19.64 5.47
C ARG B 85 0.95 -19.85 4.25
N TYR B 86 1.44 -19.49 3.06
CA TYR B 86 0.72 -19.76 1.83
C TYR B 86 0.50 -21.26 1.65
N MET B 87 1.55 -22.05 1.82
CA MET B 87 1.42 -23.50 1.67
C MET B 87 0.47 -24.07 2.71
N SER B 88 0.58 -23.63 3.96
CA SER B 88 -0.32 -24.13 5.00
C SER B 88 -1.78 -23.87 4.64
N ALA B 89 -2.06 -22.68 4.11
CA ALA B 89 -3.43 -22.38 3.69
C ALA B 89 -3.84 -23.23 2.49
N LEU B 90 -2.93 -23.39 1.53
CA LEU B 90 -3.25 -24.13 0.31
C LEU B 90 -3.62 -25.58 0.63
N ASN B 91 -3.00 -26.17 1.64
CA ASN B 91 -3.31 -27.54 2.01
C ASN B 91 -4.77 -27.70 2.44
N HIS B 92 -5.42 -26.62 2.87
CA HIS B 92 -6.84 -26.64 3.18
C HIS B 92 -7.68 -26.18 2.00
N THR B 93 -7.32 -25.03 1.41
CA THR B 93 -8.16 -24.46 0.35
C THR B 93 -8.28 -25.40 -0.84
N LYS B 94 -7.27 -26.22 -1.09
CA LYS B 94 -7.34 -27.17 -2.21
C LYS B 94 -8.45 -28.19 -2.00
N LYS B 95 -8.83 -28.45 -0.75
CA LYS B 95 -9.89 -29.40 -0.43
C LYS B 95 -11.27 -28.76 -0.40
N TRP B 96 -11.36 -27.43 -0.41
CA TRP B 96 -12.65 -26.77 -0.48
C TRP B 96 -13.28 -27.03 -1.85
N LYS B 97 -14.62 -26.94 -1.89
CA LYS B 97 -15.38 -27.06 -3.12
C LYS B 97 -15.68 -25.66 -3.65
N TYR B 98 -15.60 -25.50 -4.97
CA TYR B 98 -15.70 -24.19 -5.61
C TYR B 98 -16.77 -24.23 -6.70
N PRO B 99 -18.03 -24.24 -6.31
CA PRO B 99 -19.12 -24.33 -7.30
C PRO B 99 -19.31 -23.03 -8.06
N GLN B 100 -19.71 -23.18 -9.33
CA GLN B 100 -20.12 -22.05 -10.15
C GLN B 100 -21.57 -21.73 -9.84
N VAL B 101 -21.84 -20.52 -9.35
CA VAL B 101 -23.18 -20.10 -8.94
C VAL B 101 -23.51 -18.80 -9.65
N ASN B 102 -24.55 -18.81 -10.47
CA ASN B 102 -24.97 -17.61 -11.20
C ASN B 102 -23.82 -17.05 -12.02
N GLY B 103 -23.05 -17.94 -12.64
CA GLY B 103 -21.94 -17.54 -13.49
C GLY B 103 -20.70 -17.06 -12.76
N LEU B 104 -20.65 -17.20 -11.44
CA LEU B 104 -19.55 -16.71 -10.62
C LEU B 104 -18.97 -17.86 -9.81
N THR B 105 -17.66 -17.87 -9.65
CA THR B 105 -17.00 -18.88 -8.81
C THR B 105 -17.22 -18.54 -7.34
N SER B 106 -17.72 -19.51 -6.59
CA SER B 106 -18.01 -19.35 -5.16
C SER B 106 -17.29 -20.46 -4.38
N ILE B 107 -17.47 -20.47 -3.07
CA ILE B 107 -16.88 -21.46 -2.19
C ILE B 107 -17.98 -22.08 -1.34
N LYS B 108 -18.02 -23.41 -1.28
CA LYS B 108 -18.90 -24.08 -0.34
C LYS B 108 -18.39 -23.85 1.08
N TRP B 109 -19.33 -23.63 2.01
CA TRP B 109 -18.92 -23.19 3.34
C TRP B 109 -18.04 -24.23 4.01
N ALA B 110 -16.93 -23.78 4.54
CA ALA B 110 -16.02 -24.60 5.34
C ALA B 110 -15.07 -23.68 6.06
N ASP B 111 -14.66 -24.07 7.26
CA ASP B 111 -13.61 -23.37 8.00
C ASP B 111 -13.88 -21.87 8.07
N ASN B 112 -15.13 -21.50 8.36
CA ASN B 112 -15.50 -20.10 8.57
C ASN B 112 -15.10 -19.22 7.39
N ASN B 113 -15.38 -19.69 6.17
CA ASN B 113 -14.92 -19.00 4.97
C ASN B 113 -16.00 -18.17 4.29
N SER B 114 -17.09 -17.85 5.00
CA SER B 114 -18.13 -17.02 4.39
C SER B 114 -17.56 -15.69 3.91
N TYR B 115 -16.66 -15.09 4.70
CA TYR B 115 -16.10 -13.80 4.31
C TYR B 115 -15.23 -13.94 3.06
N LEU B 116 -14.50 -15.05 2.93
CA LEU B 116 -13.67 -15.26 1.76
C LEU B 116 -14.52 -15.51 0.52
N ALA B 117 -15.57 -16.32 0.64
CA ALA B 117 -16.47 -16.53 -0.48
C ALA B 117 -17.05 -15.21 -0.95
N THR B 118 -17.51 -14.39 0.01
CA THR B 118 -18.11 -13.10 -0.33
C THR B 118 -17.09 -12.17 -0.99
N ALA B 119 -15.84 -12.18 -0.50
CA ALA B 119 -14.80 -11.38 -1.15
C ALA B 119 -14.52 -11.91 -2.55
N LEU B 120 -14.36 -13.22 -2.68
CA LEU B 120 -14.11 -13.82 -4.00
C LEU B 120 -15.20 -13.43 -5.00
N LEU B 121 -16.46 -13.48 -4.58
CA LEU B 121 -17.55 -13.10 -5.48
C LEU B 121 -17.44 -11.63 -5.87
N THR B 122 -17.16 -10.76 -4.91
CA THR B 122 -17.03 -9.33 -5.20
C THR B 122 -15.89 -9.07 -6.17
N LEU B 123 -14.75 -9.72 -5.94
CA LEU B 123 -13.58 -9.50 -6.78
C LEU B 123 -13.85 -9.84 -8.24
N GLN B 124 -14.74 -10.79 -8.50
CA GLN B 124 -15.05 -11.15 -9.88
C GLN B 124 -15.93 -10.11 -10.56
N GLN B 125 -16.48 -9.16 -9.82
CA GLN B 125 -17.40 -8.18 -10.37
C GLN B 125 -16.81 -6.77 -10.46
N ILE B 126 -15.58 -6.58 -9.99
CA ILE B 126 -14.89 -5.31 -10.12
C ILE B 126 -13.58 -5.53 -10.85
N GLU B 127 -13.13 -4.53 -11.59
CA GLU B 127 -11.90 -4.62 -12.35
C GLU B 127 -10.73 -4.16 -11.50
N LEU B 128 -9.80 -5.08 -11.21
CA LEU B 128 -8.67 -4.83 -10.35
C LEU B 128 -7.43 -5.41 -11.00
N LYS B 129 -6.36 -4.59 -11.09
CA LYS B 129 -5.08 -5.02 -11.63
C LYS B 129 -4.10 -5.18 -10.47
N PHE B 130 -3.80 -6.43 -10.11
CA PHE B 130 -2.89 -6.70 -9.01
C PHE B 130 -1.45 -6.46 -9.42
N ASN B 131 -0.63 -5.97 -8.48
CA ASN B 131 0.79 -5.75 -8.76
C ASN B 131 1.58 -7.05 -8.67
N PRO B 132 1.42 -7.84 -7.62
CA PRO B 132 2.17 -9.11 -7.55
C PRO B 132 1.69 -10.07 -8.62
N PRO B 133 2.60 -10.59 -9.45
CA PRO B 133 2.18 -11.60 -10.45
C PRO B 133 1.45 -12.78 -9.83
N ALA B 134 1.82 -13.18 -8.62
CA ALA B 134 1.12 -14.28 -7.96
C ALA B 134 -0.37 -14.02 -7.88
N LEU B 135 -0.75 -12.81 -7.46
CA LEU B 135 -2.17 -12.50 -7.31
C LEU B 135 -2.85 -12.40 -8.67
N GLN B 136 -2.22 -11.72 -9.63
CA GLN B 136 -2.85 -11.56 -10.94
C GLN B 136 -3.09 -12.91 -11.60
N ASP B 137 -2.11 -13.83 -11.51
CA ASP B 137 -2.28 -15.16 -12.11
C ASP B 137 -3.40 -15.93 -11.44
N ALA B 138 -3.36 -16.04 -10.11
CA ALA B 138 -4.39 -16.77 -9.39
C ALA B 138 -5.76 -16.13 -9.55
N TYR B 139 -5.78 -14.80 -9.68
CA TYR B 139 -7.03 -14.07 -9.95
C TYR B 139 -7.71 -14.61 -11.20
N TYR B 140 -6.94 -14.76 -12.29
CA TYR B 140 -7.53 -15.22 -13.55
C TYR B 140 -7.85 -16.71 -13.50
N ARG B 141 -7.07 -17.50 -12.77
CA ARG B 141 -7.45 -18.90 -12.58
C ARG B 141 -8.74 -19.00 -11.77
N ALA B 142 -8.91 -18.13 -10.77
CA ALA B 142 -10.12 -18.15 -9.96
C ALA B 142 -11.35 -17.80 -10.78
N ARG B 143 -11.24 -16.78 -11.64
CA ARG B 143 -12.35 -16.41 -12.50
C ARG B 143 -12.78 -17.55 -13.42
N ALA B 144 -11.88 -18.49 -13.71
CA ALA B 144 -12.20 -19.63 -14.56
C ALA B 144 -12.67 -20.84 -13.77
N GLY B 145 -12.58 -20.82 -12.44
CA GLY B 145 -13.09 -21.90 -11.60
C GLY B 145 -12.06 -22.50 -10.65
N GLU B 146 -10.77 -22.29 -10.89
CA GLU B 146 -9.72 -22.82 -10.02
C GLU B 146 -9.27 -21.70 -9.09
N ALA B 147 -9.91 -21.61 -7.92
CA ALA B 147 -9.69 -20.52 -6.97
C ALA B 147 -8.97 -20.95 -5.72
N ALA B 148 -8.56 -22.21 -5.60
CA ALA B 148 -7.89 -22.67 -4.39
C ALA B 148 -6.61 -21.87 -4.13
N ASN B 149 -5.82 -21.63 -5.17
CA ASN B 149 -4.57 -20.89 -4.99
C ASN B 149 -4.84 -19.45 -4.61
N PHE B 150 -5.80 -18.82 -5.28
CA PHE B 150 -6.16 -17.43 -4.99
C PHE B 150 -6.57 -17.28 -3.53
N CYS B 151 -7.45 -18.17 -3.05
CA CYS B 151 -7.90 -18.06 -1.67
C CYS B 151 -6.75 -18.24 -0.69
N ALA B 152 -5.86 -19.19 -0.95
CA ALA B 152 -4.70 -19.38 -0.07
C ALA B 152 -3.82 -18.13 -0.06
N LEU B 153 -3.63 -17.50 -1.23
CA LEU B 153 -2.82 -16.29 -1.30
C LEU B 153 -3.48 -15.15 -0.53
N ILE B 154 -4.79 -14.98 -0.67
CA ILE B 154 -5.50 -13.95 0.08
C ILE B 154 -5.25 -14.14 1.57
N LEU B 155 -5.40 -15.37 2.05
CA LEU B 155 -5.12 -15.64 3.46
C LEU B 155 -3.69 -15.25 3.83
N ALA B 156 -2.73 -15.61 2.97
CA ALA B 156 -1.33 -15.31 3.27
C ALA B 156 -1.07 -13.81 3.27
N TYR B 157 -1.52 -13.11 2.22
CA TYR B 157 -1.30 -11.67 2.16
C TYR B 157 -1.99 -10.93 3.31
N CYS B 158 -3.13 -11.44 3.78
CA CYS B 158 -3.87 -10.80 4.87
C CYS B 158 -3.44 -11.29 6.25
N ASN B 159 -2.41 -12.13 6.33
CA ASN B 159 -1.94 -12.66 7.62
C ASN B 159 -3.08 -13.27 8.41
N LYS B 160 -3.89 -14.10 7.73
CA LYS B 160 -5.00 -14.81 8.34
C LYS B 160 -4.85 -16.29 8.06
N THR B 161 -5.22 -17.10 9.05
CA THR B 161 -5.13 -18.54 8.94
C THR B 161 -6.50 -19.13 8.61
N VAL B 162 -6.48 -20.33 8.03
CA VAL B 162 -7.74 -21.03 7.75
C VAL B 162 -8.49 -21.23 9.05
N GLY B 163 -9.78 -20.92 9.04
CA GLY B 163 -10.60 -21.01 10.23
C GLY B 163 -10.72 -19.73 11.01
N GLU B 164 -9.81 -18.78 10.80
CA GLU B 164 -9.84 -17.51 11.52
C GLU B 164 -10.97 -16.63 10.97
N LEU B 165 -11.63 -15.91 11.87
CA LEU B 165 -12.70 -15.02 11.48
C LEU B 165 -12.16 -13.88 10.64
N GLY B 166 -12.94 -13.46 9.64
CA GLY B 166 -12.47 -12.45 8.71
C GLY B 166 -13.58 -11.48 8.36
N ASP B 167 -13.14 -10.34 7.83
CA ASP B 167 -14.01 -9.21 7.50
C ASP B 167 -13.85 -8.88 6.03
N VAL B 168 -14.96 -8.83 5.30
CA VAL B 168 -14.88 -8.58 3.86
C VAL B 168 -14.23 -7.23 3.60
N ARG B 169 -14.70 -6.18 4.27
CA ARG B 169 -14.12 -4.85 4.05
C ARG B 169 -12.61 -4.87 4.25
N GLU B 170 -12.16 -5.40 5.38
CA GLU B 170 -10.72 -5.49 5.63
C GLU B 170 -10.01 -6.21 4.48
N THR B 171 -10.52 -7.39 4.14
CA THR B 171 -9.88 -8.21 3.11
C THR B 171 -9.81 -7.48 1.79
N MET B 172 -10.89 -6.79 1.41
CA MET B 172 -10.88 -6.02 0.18
C MET B 172 -9.88 -4.88 0.26
N SER B 173 -9.83 -4.21 1.41
CA SER B 173 -8.90 -3.09 1.57
C SER B 173 -7.46 -3.54 1.39
N TYR B 174 -7.07 -4.64 2.04
CA TYR B 174 -5.69 -5.10 1.96
C TYR B 174 -5.35 -5.60 0.57
N LEU B 175 -6.31 -6.18 -0.15
CA LEU B 175 -6.08 -6.56 -1.53
C LEU B 175 -5.96 -5.33 -2.43
N PHE B 176 -6.78 -4.31 -2.17
CA PHE B 176 -6.65 -3.06 -2.93
C PHE B 176 -5.26 -2.46 -2.76
N GLN B 177 -4.65 -2.65 -1.59
CA GLN B 177 -3.32 -2.12 -1.32
C GLN B 177 -2.23 -2.91 -2.04
N HIS B 178 -2.57 -4.04 -2.66
CA HIS B 178 -1.66 -4.74 -3.57
C HIS B 178 -2.08 -4.58 -5.03
N ALA B 179 -2.87 -3.55 -5.34
CA ALA B 179 -3.36 -3.31 -6.68
C ALA B 179 -2.91 -1.94 -7.17
N ASN B 180 -2.95 -1.76 -8.48
CA ASN B 180 -2.61 -0.48 -9.10
C ASN B 180 -3.87 0.36 -9.18
N LEU B 181 -4.01 1.31 -8.25
CA LEU B 181 -5.14 2.24 -8.23
C LEU B 181 -4.63 3.67 -8.31
N ASP B 182 -3.44 3.86 -8.89
CA ASP B 182 -2.80 5.17 -8.88
C ASP B 182 -3.63 6.23 -9.58
N SER B 183 -4.45 5.84 -10.56
CA SER B 183 -5.27 6.80 -11.29
C SER B 183 -6.54 7.17 -10.55
N CYS B 184 -6.90 6.47 -9.48
CA CYS B 184 -8.12 6.76 -8.75
C CYS B 184 -7.98 8.06 -7.98
N LYS B 185 -9.06 8.84 -7.95
CA LYS B 185 -9.02 10.15 -7.31
C LYS B 185 -10.40 10.48 -6.75
N ARG B 186 -10.39 11.11 -5.57
CA ARG B 186 -11.60 11.64 -4.94
C ARG B 186 -11.29 13.03 -4.44
N VAL B 187 -11.93 14.05 -5.03
CA VAL B 187 -11.75 15.43 -4.65
C VAL B 187 -12.88 15.84 -3.72
N LEU B 188 -12.53 16.37 -2.55
CA LEU B 188 -13.49 16.84 -1.58
C LEU B 188 -13.45 18.36 -1.55
N ASN B 189 -14.62 19.00 -1.60
CA ASN B 189 -14.73 20.45 -1.56
C ASN B 189 -15.62 20.83 -0.39
N VAL B 190 -15.11 21.71 0.47
CA VAL B 190 -15.86 22.16 1.64
C VAL B 190 -16.91 23.17 1.19
N VAL B 191 -18.15 22.98 1.62
CA VAL B 191 -19.22 23.94 1.41
C VAL B 191 -19.39 24.72 2.70
N CYS B 192 -19.12 26.02 2.63
CA CYS B 192 -19.12 26.88 3.81
C CYS B 192 -19.62 28.24 3.40
N LYS B 193 -20.00 29.03 4.40
CA LYS B 193 -20.46 30.39 4.13
C LYS B 193 -19.30 31.37 4.09
N THR B 194 -18.28 31.17 4.92
CA THR B 194 -17.18 32.12 5.05
C THR B 194 -15.81 31.58 4.69
N CYS B 195 -15.60 30.26 4.73
CA CYS B 195 -14.25 29.74 4.58
C CYS B 195 -13.75 29.81 3.15
N GLY B 196 -14.60 30.16 2.19
CA GLY B 196 -14.15 30.24 0.81
C GLY B 196 -13.87 28.87 0.23
N GLN B 197 -12.79 28.79 -0.54
CA GLN B 197 -12.44 27.56 -1.27
C GLN B 197 -11.54 26.69 -0.42
N GLN B 198 -12.04 25.53 -0.01
CA GLN B 198 -11.26 24.55 0.74
C GLN B 198 -11.43 23.21 0.06
N GLN B 199 -10.34 22.65 -0.47
CA GLN B 199 -10.38 21.41 -1.22
C GLN B 199 -9.22 20.52 -0.82
N THR B 200 -9.48 19.22 -0.77
CA THR B 200 -8.44 18.22 -0.57
C THR B 200 -8.71 17.05 -1.52
N THR B 201 -7.64 16.36 -1.93
CA THR B 201 -7.72 15.31 -2.93
C THR B 201 -7.17 14.01 -2.36
N LEU B 202 -7.94 12.94 -2.47
CA LEU B 202 -7.50 11.59 -2.13
C LEU B 202 -7.15 10.84 -3.40
N LYS B 203 -5.94 10.27 -3.46
CA LYS B 203 -5.48 9.52 -4.61
C LYS B 203 -5.08 8.11 -4.20
N GLY B 204 -5.39 7.13 -5.04
CA GLY B 204 -5.03 5.76 -4.77
C GLY B 204 -6.10 4.99 -4.01
N VAL B 205 -5.67 4.09 -3.13
CA VAL B 205 -6.61 3.20 -2.47
C VAL B 205 -7.64 3.98 -1.66
N GLU B 206 -7.25 5.11 -1.08
CA GLU B 206 -8.18 5.88 -0.26
C GLU B 206 -9.40 6.33 -1.05
N ALA B 207 -9.24 6.53 -2.37
CA ALA B 207 -10.31 7.02 -3.21
C ALA B 207 -11.40 5.98 -3.49
N VAL B 208 -11.11 4.69 -3.31
CA VAL B 208 -12.08 3.64 -3.68
C VAL B 208 -12.82 3.09 -2.46
N MET B 209 -12.62 3.68 -1.28
CA MET B 209 -13.21 3.18 -0.05
C MET B 209 -13.81 4.33 0.75
N TYR B 210 -14.95 4.06 1.39
CA TYR B 210 -15.59 5.03 2.27
C TYR B 210 -16.34 4.30 3.38
N MET B 211 -16.20 4.78 4.60
CA MET B 211 -16.85 4.22 5.78
C MET B 211 -17.81 5.24 6.37
N GLY B 212 -19.05 4.81 6.63
CA GLY B 212 -20.03 5.68 7.25
C GLY B 212 -21.42 5.56 6.65
N THR B 213 -21.49 5.38 5.34
CA THR B 213 -22.75 5.29 4.62
C THR B 213 -22.66 4.18 3.58
N LEU B 214 -23.82 3.61 3.24
CA LEU B 214 -23.88 2.59 2.20
C LEU B 214 -24.35 3.13 0.86
N SER B 215 -25.07 4.25 0.87
CA SER B 215 -25.66 4.81 -0.34
C SER B 215 -24.66 5.73 -1.04
N TYR B 216 -24.42 5.46 -2.33
CA TYR B 216 -23.58 6.36 -3.11
C TYR B 216 -24.34 7.64 -3.44
N GLU B 217 -25.64 7.52 -3.68
CA GLU B 217 -26.45 8.72 -3.96
C GLU B 217 -26.33 9.74 -2.84
N GLN B 218 -26.47 9.29 -1.58
CA GLN B 218 -26.33 10.22 -0.45
C GLN B 218 -24.90 10.74 -0.38
N PHE B 219 -23.92 9.85 -0.52
CA PHE B 219 -22.52 10.23 -0.46
C PHE B 219 -22.20 11.28 -1.51
N LYS B 220 -22.75 11.14 -2.72
CA LYS B 220 -22.51 12.10 -3.78
C LYS B 220 -23.12 13.46 -3.44
N LYS B 221 -24.33 13.48 -2.89
CA LYS B 221 -24.99 14.75 -2.58
C LYS B 221 -24.18 15.56 -1.58
N GLY B 222 -23.78 14.93 -0.48
CA GLY B 222 -23.08 15.63 0.59
C GLY B 222 -22.54 14.65 1.60
N VAL B 223 -21.51 15.08 2.32
CA VAL B 223 -20.87 14.26 3.34
C VAL B 223 -20.49 15.13 4.52
N THR B 234 -19.83 19.08 8.66
CA THR B 234 -19.74 20.09 7.60
C THR B 234 -20.14 19.49 6.25
N LYS B 235 -20.62 20.35 5.36
CA LYS B 235 -20.97 19.94 4.02
C LYS B 235 -19.71 19.71 3.19
N TYR B 236 -19.65 18.59 2.47
CA TYR B 236 -18.53 18.30 1.58
C TYR B 236 -19.10 17.79 0.26
N LEU B 237 -18.78 18.48 -0.83
CA LEU B 237 -19.08 18.01 -2.18
C LEU B 237 -17.92 17.15 -2.69
N VAL B 238 -18.25 16.06 -3.38
CA VAL B 238 -17.28 15.04 -3.75
C VAL B 238 -17.28 14.86 -5.27
N GLN B 239 -16.08 14.75 -5.84
CA GLN B 239 -15.86 14.37 -7.23
C GLN B 239 -15.12 13.04 -7.23
N GLN B 240 -15.77 11.98 -7.72
CA GLN B 240 -15.26 10.62 -7.64
C GLN B 240 -14.80 10.15 -9.02
N GLU B 241 -13.54 9.70 -9.12
CA GLU B 241 -12.97 9.15 -10.34
C GLU B 241 -12.26 7.85 -9.97
N SER B 242 -12.97 6.72 -10.10
CA SER B 242 -12.44 5.40 -9.80
C SER B 242 -13.23 4.37 -10.58
N PRO B 243 -12.64 3.21 -10.89
CA PRO B 243 -13.43 2.15 -11.54
C PRO B 243 -14.57 1.64 -10.68
N PHE B 244 -14.40 1.70 -9.36
CA PHE B 244 -15.39 1.18 -8.42
C PHE B 244 -15.27 1.97 -7.12
N VAL B 245 -16.24 1.75 -6.23
CA VAL B 245 -16.19 2.30 -4.88
C VAL B 245 -16.80 1.28 -3.93
N MET B 246 -16.17 1.10 -2.77
CA MET B 246 -16.68 0.26 -1.70
C MET B 246 -17.16 1.15 -0.57
N MET B 247 -18.46 1.07 -0.25
CA MET B 247 -19.05 1.81 0.86
C MET B 247 -19.37 0.81 1.96
N SER B 248 -19.00 1.15 3.19
CA SER B 248 -19.25 0.29 4.33
C SER B 248 -19.90 1.08 5.47
N ALA B 249 -20.68 0.37 6.28
CA ALA B 249 -21.36 0.97 7.42
C ALA B 249 -21.74 -0.14 8.39
N PRO B 250 -22.07 0.20 9.62
CA PRO B 250 -22.50 -0.81 10.58
C PRO B 250 -23.67 -1.62 10.03
N PRO B 251 -23.71 -2.92 10.27
CA PRO B 251 -24.82 -3.74 9.74
C PRO B 251 -26.16 -3.23 10.25
N ALA B 252 -27.04 -2.90 9.32
CA ALA B 252 -28.40 -2.46 9.66
C ALA B 252 -29.33 -2.87 8.55
N GLN B 253 -30.62 -2.98 8.89
CA GLN B 253 -31.62 -3.30 7.87
C GLN B 253 -31.57 -2.26 6.76
N TYR B 254 -31.48 -2.72 5.53
CA TYR B 254 -31.22 -1.86 4.38
C TYR B 254 -31.85 -2.50 3.16
N GLU B 255 -32.55 -1.70 2.37
CA GLU B 255 -33.23 -2.20 1.18
C GLU B 255 -32.30 -2.04 -0.01
N LEU B 256 -31.99 -3.14 -0.68
CA LEU B 256 -31.18 -3.14 -1.88
C LEU B 256 -32.11 -3.12 -3.08
N LYS B 257 -32.14 -2.00 -3.80
CA LYS B 257 -32.99 -1.84 -4.97
C LYS B 257 -32.23 -2.32 -6.21
N HIS B 258 -32.89 -3.16 -7.00
CA HIS B 258 -32.26 -3.70 -8.19
C HIS B 258 -31.85 -2.56 -9.12
N GLY B 259 -30.62 -2.65 -9.64
CA GLY B 259 -30.13 -1.67 -10.57
C GLY B 259 -29.44 -0.46 -9.96
N THR B 260 -29.49 -0.32 -8.63
CA THR B 260 -28.89 0.83 -7.95
C THR B 260 -27.51 0.52 -7.39
N PHE B 261 -27.02 -0.70 -7.58
CA PHE B 261 -25.72 -1.11 -7.04
C PHE B 261 -25.22 -2.29 -7.86
N THR B 262 -23.97 -2.67 -7.61
CA THR B 262 -23.38 -3.81 -8.29
C THR B 262 -23.48 -5.07 -7.45
N CYS B 263 -22.94 -5.04 -6.24
CA CYS B 263 -23.07 -6.17 -5.32
C CYS B 263 -22.94 -5.64 -3.90
N ALA B 264 -23.25 -6.49 -2.93
CA ALA B 264 -23.28 -6.07 -1.52
C ALA B 264 -22.98 -7.26 -0.62
N SER B 265 -22.54 -6.94 0.60
CA SER B 265 -22.23 -7.92 1.63
C SER B 265 -23.25 -7.82 2.76
N GLU B 266 -23.83 -8.96 3.14
CA GLU B 266 -24.73 -9.06 4.28
C GLU B 266 -24.01 -9.79 5.41
N TYR B 267 -24.20 -9.30 6.64
CA TYR B 267 -23.60 -9.91 7.82
C TYR B 267 -24.65 -10.10 8.90
N THR B 268 -24.80 -11.32 9.39
CA THR B 268 -25.67 -11.64 10.50
C THR B 268 -24.82 -12.05 11.69
N GLY B 269 -25.20 -11.59 12.88
CA GLY B 269 -24.42 -11.87 14.07
C GLY B 269 -25.21 -12.56 15.16
N ASN B 270 -26.20 -13.37 14.80
CA ASN B 270 -27.02 -14.04 15.79
C ASN B 270 -26.15 -14.87 16.73
N TYR B 271 -26.32 -14.67 18.03
CA TYR B 271 -25.58 -15.42 19.05
C TYR B 271 -24.08 -15.17 18.93
N GLN B 272 -23.71 -14.00 18.42
CA GLN B 272 -22.32 -13.58 18.22
C GLN B 272 -21.54 -14.54 17.33
N CYS B 273 -22.24 -15.38 16.57
CA CYS B 273 -21.63 -16.27 15.59
C CYS B 273 -21.90 -15.65 14.22
N GLY B 274 -20.88 -15.01 13.65
CA GLY B 274 -21.07 -14.26 12.42
C GLY B 274 -21.25 -15.13 11.20
N HIS B 275 -21.89 -14.55 10.19
CA HIS B 275 -22.01 -15.20 8.89
C HIS B 275 -22.27 -14.15 7.80
N TYR B 276 -21.66 -14.38 6.63
CA TYR B 276 -21.71 -13.47 5.50
C TYR B 276 -22.54 -14.07 4.37
N LYS B 277 -23.27 -13.20 3.65
CA LYS B 277 -23.90 -13.56 2.40
C LYS B 277 -23.61 -12.48 1.37
N HIS B 278 -23.68 -12.86 0.10
CA HIS B 278 -23.37 -11.97 -1.02
C HIS B 278 -24.62 -11.76 -1.86
N ILE B 279 -24.97 -10.49 -2.10
CA ILE B 279 -26.10 -10.12 -2.94
C ILE B 279 -25.55 -9.39 -4.17
N THR B 280 -25.86 -9.90 -5.35
CA THR B 280 -25.46 -9.28 -6.61
C THR B 280 -26.69 -8.90 -7.41
N SER B 281 -26.59 -7.80 -8.16
CA SER B 281 -27.68 -7.28 -8.97
C SER B 281 -27.45 -7.58 -10.44
N LYS B 282 -28.21 -8.52 -10.98
CA LYS B 282 -28.15 -8.89 -12.39
C LYS B 282 -29.49 -8.50 -13.06
N GLU B 283 -30.16 -9.40 -13.77
CA GLU B 283 -31.52 -9.11 -14.22
C GLU B 283 -32.46 -8.97 -13.04
N THR B 284 -32.14 -9.64 -11.93
CA THR B 284 -32.87 -9.52 -10.67
C THR B 284 -31.86 -9.67 -9.55
N LEU B 285 -32.33 -9.59 -8.31
CA LEU B 285 -31.43 -9.73 -7.16
C LEU B 285 -31.17 -11.22 -6.90
N TYR B 286 -29.90 -11.54 -6.61
CA TYR B 286 -29.45 -12.89 -6.35
C TYR B 286 -28.63 -12.91 -5.07
N CYS B 287 -29.01 -13.77 -4.12
CA CYS B 287 -28.28 -13.95 -2.88
C CYS B 287 -27.47 -15.24 -2.97
N ILE B 288 -26.17 -15.11 -3.13
CA ILE B 288 -25.25 -16.25 -3.19
C ILE B 288 -24.71 -16.45 -1.77
N ASP B 289 -25.09 -17.56 -1.15
CA ASP B 289 -24.62 -17.94 0.18
C ASP B 289 -23.77 -19.21 0.02
N GLY B 290 -22.48 -19.01 -0.26
CA GLY B 290 -21.62 -20.16 -0.52
C GLY B 290 -22.11 -20.92 -1.74
N ALA B 291 -22.47 -22.19 -1.54
CA ALA B 291 -23.05 -22.99 -2.61
C ALA B 291 -24.52 -22.64 -2.88
N LEU B 292 -25.22 -22.10 -1.88
CA LEU B 292 -26.65 -21.84 -2.02
C LEU B 292 -26.94 -20.61 -2.88
N LEU B 293 -28.05 -20.66 -3.61
CA LEU B 293 -28.46 -19.56 -4.48
C LEU B 293 -29.94 -19.28 -4.28
N THR B 294 -30.27 -18.03 -4.02
CA THR B 294 -31.65 -17.59 -3.87
C THR B 294 -31.88 -16.35 -4.72
N LYS B 295 -33.01 -16.32 -5.43
CA LYS B 295 -33.39 -15.24 -6.32
C LYS B 295 -34.58 -14.49 -5.75
N SER B 296 -34.50 -13.16 -5.74
CA SER B 296 -35.60 -12.33 -5.25
C SER B 296 -35.67 -11.06 -6.10
N SER B 297 -36.84 -10.44 -6.09
CA SER B 297 -37.01 -9.14 -6.74
C SER B 297 -36.64 -7.98 -5.81
N GLU B 298 -36.77 -8.18 -4.51
CA GLU B 298 -36.43 -7.18 -3.50
C GLU B 298 -35.64 -7.87 -2.40
N TYR B 299 -34.81 -7.10 -1.72
CA TYR B 299 -33.98 -7.65 -0.64
C TYR B 299 -33.88 -6.64 0.50
N LYS B 300 -34.19 -7.10 1.71
CA LYS B 300 -33.99 -6.34 2.92
C LYS B 300 -33.20 -7.20 3.89
N GLY B 301 -32.08 -6.69 4.37
CA GLY B 301 -31.23 -7.43 5.25
C GLY B 301 -30.19 -6.56 5.92
N PRO B 302 -29.40 -7.14 6.83
CA PRO B 302 -28.33 -6.39 7.51
C PRO B 302 -27.08 -6.22 6.64
N ILE B 303 -27.14 -5.23 5.74
CA ILE B 303 -26.05 -4.97 4.81
C ILE B 303 -24.95 -4.17 5.52
N THR B 304 -23.71 -4.47 5.17
CA THR B 304 -22.55 -3.77 5.73
C THR B 304 -21.58 -3.26 4.68
N ASP B 305 -21.59 -3.80 3.46
CA ASP B 305 -20.78 -3.27 2.37
C ASP B 305 -21.65 -3.20 1.12
N VAL B 306 -21.48 -2.14 0.34
CA VAL B 306 -22.12 -2.02 -0.98
C VAL B 306 -21.07 -1.54 -1.97
N PHE B 307 -20.99 -2.21 -3.11
CA PHE B 307 -20.01 -1.94 -4.15
C PHE B 307 -20.70 -1.39 -5.38
N TYR B 308 -20.13 -0.32 -5.95
CA TYR B 308 -20.66 0.33 -7.15
C TYR B 308 -19.54 0.41 -8.18
N LYS B 309 -19.90 0.23 -9.45
CA LYS B 309 -18.95 0.29 -10.56
C LYS B 309 -19.19 1.53 -11.41
N GLU B 310 -18.11 2.05 -11.98
CA GLU B 310 -18.16 3.12 -12.95
C GLU B 310 -18.18 2.55 -14.36
N ASN B 311 -18.91 3.22 -15.26
CA ASN B 311 -18.92 2.83 -16.66
C ASN B 311 -18.33 3.94 -17.53
#